data_6ZX3
#
_entry.id   6ZX3
#
_cell.length_a   77.460
_cell.length_b   116.110
_cell.length_c   62.130
_cell.angle_alpha   90.000
_cell.angle_beta   90.000
_cell.angle_gamma   90.000
#
_symmetry.space_group_name_H-M   'C 2 2 21'
#
loop_
_entity.id
_entity.type
_entity.pdbx_description
1 polymer "Uridine 5'-monophosphate synthase"
2 non-polymer '[(2~{R},3~{S},4~{R},5~{R})-5-[6-carbamothioyl-2,4-bis(oxidanylidene)pyrimidin-1-yl]-3,4-bis(oxidanyl)oxolan-2-yl]methyl dihydrogen phosphate'
3 non-polymer GLYCEROL
4 non-polymer PROLINE
5 non-polymer 'SULFATE ION'
6 water water
#
_entity_poly.entity_id   1
_entity_poly.type   'polypeptide(L)'
_entity_poly.pdbx_seq_one_letter_code
;GAMELSFGARAELPRIHPVASKLLRLMQKKETNLCLSADVSLARELLQLADALGPSICMLKTHVDILNDFTLDVMKELIT
LAKCHEFLIFEDRKFADIGNTVKKQYEGGIFKIASWADLVNAHVVPGSGVVKGLQEVGLPLHRGCLLIAEMSSTGSLATG
DYTRAAVRMAEEHSEFVVGFISGSRVSMKPEFLHLTPGVQLEAGGDNLGQQYNSPQEVIGKRGSDIIIVGRGIISAADRL
EAAEMYRKAAWEAYLSRLGV
;
_entity_poly.pdbx_strand_id   A
#
# COMPACT_ATOMS: atom_id res chain seq x y z
N GLU A 4 4.42 17.11 14.86
CA GLU A 4 3.78 16.31 13.78
C GLU A 4 3.12 17.24 12.75
N LEU A 5 3.34 16.94 11.49
CA LEU A 5 2.84 17.70 10.32
C LEU A 5 1.63 16.99 9.74
N SER A 6 0.71 17.77 9.18
CA SER A 6 -0.42 17.26 8.39
C SER A 6 0.09 16.49 7.17
N PHE A 7 -0.77 15.68 6.60
CA PHE A 7 -0.42 15.00 5.32
C PHE A 7 -0.04 16.05 4.28
N GLY A 8 -0.77 17.16 4.19
CA GLY A 8 -0.49 18.19 3.17
C GLY A 8 0.90 18.79 3.35
N ALA A 9 1.31 19.02 4.59
CA ALA A 9 2.66 19.59 4.88
C ALA A 9 3.72 18.51 4.61
N ARG A 10 3.46 17.27 4.98
CA ARG A 10 4.43 16.17 4.72
C ARG A 10 4.67 16.07 3.22
N ALA A 11 3.66 16.33 2.39
CA ALA A 11 3.77 16.26 0.92
C ALA A 11 4.84 17.23 0.42
N GLU A 12 5.17 18.26 1.19
CA GLU A 12 6.13 19.31 0.76
C GLU A 12 7.51 19.12 1.39
N LEU A 13 7.73 18.09 2.20
CA LEU A 13 9.03 17.95 2.89
C LEU A 13 10.16 17.88 1.88
N PRO A 14 11.34 18.46 2.19
CA PRO A 14 12.45 18.49 1.25
C PRO A 14 12.85 17.13 0.66
N ARG A 15 12.82 16.09 1.48
CA ARG A 15 13.30 14.75 1.06
CA ARG A 15 13.29 14.73 1.10
C ARG A 15 12.13 13.86 0.60
N ILE A 16 10.95 14.44 0.44
CA ILE A 16 9.77 13.62 0.03
C ILE A 16 10.02 13.02 -1.34
N HIS A 17 9.62 11.78 -1.51
CA HIS A 17 9.58 11.13 -2.83
C HIS A 17 8.39 11.66 -3.62
N PRO A 18 8.50 11.90 -4.94
CA PRO A 18 7.37 12.40 -5.70
C PRO A 18 6.10 11.54 -5.60
N VAL A 19 6.22 10.22 -5.49
CA VAL A 19 5.02 9.36 -5.40
C VAL A 19 4.39 9.58 -4.02
N ALA A 20 5.20 9.64 -2.97
CA ALA A 20 4.69 9.92 -1.61
C ALA A 20 4.01 11.30 -1.60
N SER A 21 4.61 12.28 -2.25
CA SER A 21 4.04 13.65 -2.28
C SER A 21 2.67 13.63 -2.96
N LYS A 22 2.54 12.97 -4.11
CA LYS A 22 1.26 12.89 -4.85
C LYS A 22 0.22 12.25 -3.91
N LEU A 23 0.60 11.16 -3.26
CA LEU A 23 -0.32 10.43 -2.35
C LEU A 23 -0.75 11.32 -1.20
N LEU A 24 0.19 11.94 -0.50
CA LEU A 24 -0.13 12.77 0.67
C LEU A 24 -1.03 13.95 0.26
N ARG A 25 -0.78 14.55 -0.90
CA ARG A 25 -1.62 15.68 -1.38
C ARG A 25 -3.05 15.17 -1.61
N LEU A 26 -3.24 14.02 -2.26
CA LEU A 26 -4.64 13.60 -2.54
C LEU A 26 -5.30 13.08 -1.26
N MET A 27 -4.54 12.54 -0.30
CA MET A 27 -5.10 12.18 1.02
C MET A 27 -5.70 13.42 1.69
N GLN A 28 -4.93 14.50 1.70
CA GLN A 28 -5.37 15.76 2.35
C GLN A 28 -6.57 16.33 1.59
N LYS A 29 -6.50 16.35 0.26
CA LYS A 29 -7.57 16.93 -0.58
C LYS A 29 -8.89 16.19 -0.36
N LYS A 30 -8.83 14.86 -0.34
CA LYS A 30 -10.04 14.01 -0.32
C LYS A 30 -10.45 13.59 1.09
N GLU A 31 -9.65 13.94 2.11
N GLU A 31 -9.65 13.92 2.11
CA GLU A 31 -9.88 13.49 3.50
CA GLU A 31 -9.88 13.51 3.52
C GLU A 31 -10.06 11.98 3.49
C GLU A 31 -10.00 11.98 3.59
N THR A 32 -9.07 11.31 2.93
CA THR A 32 -9.02 9.83 3.02
C THR A 32 -7.60 9.32 3.23
N ASN A 33 -7.48 8.41 4.18
CA ASN A 33 -6.26 7.62 4.44
C ASN A 33 -6.64 6.14 4.43
N LEU A 34 -7.57 5.79 3.55
CA LEU A 34 -8.03 4.39 3.36
C LEU A 34 -7.44 3.86 2.06
N CYS A 35 -6.83 2.68 2.16
CA CYS A 35 -6.41 1.87 0.99
C CYS A 35 -7.34 0.66 0.90
N LEU A 36 -8.08 0.55 -0.19
CA LEU A 36 -8.93 -0.63 -0.42
C LEU A 36 -8.04 -1.80 -0.85
N SER A 37 -8.16 -2.93 -0.16
CA SER A 37 -7.51 -4.19 -0.60
C SER A 37 -8.50 -4.94 -1.48
N ALA A 38 -8.38 -4.81 -2.80
CA ALA A 38 -9.37 -5.29 -3.79
C ALA A 38 -9.05 -6.77 -4.09
N ASP A 39 -9.27 -7.63 -3.11
CA ASP A 39 -8.90 -9.06 -3.20
C ASP A 39 -10.05 -9.80 -3.86
N VAL A 40 -10.19 -9.61 -5.16
CA VAL A 40 -11.29 -10.17 -5.98
C VAL A 40 -10.70 -10.93 -7.15
N SER A 41 -11.48 -11.83 -7.74
N SER A 41 -11.50 -11.85 -7.69
CA SER A 41 -10.99 -12.68 -8.85
CA SER A 41 -11.13 -12.82 -8.76
C SER A 41 -11.55 -12.23 -10.20
C SER A 41 -11.51 -12.27 -10.14
N LEU A 42 -12.53 -11.32 -10.25
N LEU A 42 -12.40 -11.28 -10.18
CA LEU A 42 -13.14 -10.85 -11.52
CA LEU A 42 -13.11 -10.85 -11.43
C LEU A 42 -12.72 -9.42 -11.80
C LEU A 42 -12.72 -9.41 -11.79
N ALA A 43 -12.19 -9.19 -13.00
CA ALA A 43 -11.86 -7.84 -13.49
C ALA A 43 -13.09 -6.92 -13.34
N ARG A 44 -14.29 -7.39 -13.67
CA ARG A 44 -15.47 -6.50 -13.64
C ARG A 44 -15.69 -6.04 -12.20
N GLU A 45 -15.53 -6.92 -11.23
CA GLU A 45 -15.75 -6.54 -9.81
C GLU A 45 -14.64 -5.57 -9.38
N LEU A 46 -13.38 -5.85 -9.76
CA LEU A 46 -12.28 -4.93 -9.44
C LEU A 46 -12.60 -3.52 -9.97
N LEU A 47 -13.01 -3.44 -11.23
CA LEU A 47 -13.24 -2.11 -11.86
C LEU A 47 -14.50 -1.45 -11.27
N GLN A 48 -15.53 -2.21 -10.95
CA GLN A 48 -16.76 -1.62 -10.39
C GLN A 48 -16.45 -1.12 -8.98
N LEU A 49 -15.65 -1.83 -8.22
CA LEU A 49 -15.23 -1.35 -6.87
C LEU A 49 -14.38 -0.10 -7.04
N ALA A 50 -13.41 -0.11 -7.95
CA ALA A 50 -12.51 1.05 -8.14
C ALA A 50 -13.34 2.28 -8.50
N ASP A 51 -14.33 2.14 -9.36
CA ASP A 51 -15.15 3.30 -9.81
C ASP A 51 -15.98 3.81 -8.63
N ALA A 52 -16.70 2.94 -7.94
CA ALA A 52 -17.65 3.35 -6.89
C ALA A 52 -16.92 3.85 -5.64
N LEU A 53 -15.81 3.19 -5.28
CA LEU A 53 -15.10 3.50 -4.02
C LEU A 53 -13.95 4.48 -4.27
N GLY A 54 -13.63 4.76 -5.53
CA GLY A 54 -12.49 5.65 -5.87
C GLY A 54 -12.52 6.95 -5.08
N PRO A 55 -13.67 7.66 -4.99
CA PRO A 55 -13.70 8.92 -4.25
C PRO A 55 -13.38 8.78 -2.76
N SER A 56 -13.58 7.58 -2.19
CA SER A 56 -13.43 7.30 -0.74
C SER A 56 -12.01 6.86 -0.37
N ILE A 57 -11.14 6.58 -1.35
CA ILE A 57 -9.85 5.89 -1.07
C ILE A 57 -8.69 6.75 -1.55
N CYS A 58 -7.54 6.59 -0.89
CA CYS A 58 -6.29 7.24 -1.36
C CYS A 58 -5.53 6.26 -2.26
N MET A 59 -5.91 4.99 -2.24
CA MET A 59 -5.08 3.92 -2.85
C MET A 59 -5.93 2.68 -3.01
N LEU A 60 -5.66 1.94 -4.06
CA LEU A 60 -6.28 0.63 -4.32
C LEU A 60 -5.11 -0.35 -4.41
N LYS A 61 -5.16 -1.36 -3.55
CA LYS A 61 -4.14 -2.42 -3.49
C LYS A 61 -4.65 -3.60 -4.29
N THR A 62 -3.86 -4.02 -5.27
CA THR A 62 -4.19 -5.13 -6.17
C THR A 62 -3.37 -6.37 -5.81
N HIS A 63 -3.94 -7.53 -6.11
N HIS A 63 -3.96 -7.51 -6.13
CA HIS A 63 -3.21 -8.81 -6.30
CA HIS A 63 -3.28 -8.82 -6.27
C HIS A 63 -3.48 -9.27 -7.73
C HIS A 63 -3.64 -9.32 -7.66
N VAL A 64 -2.69 -8.82 -8.70
N VAL A 64 -2.95 -8.86 -8.70
CA VAL A 64 -2.99 -9.09 -10.13
CA VAL A 64 -3.38 -9.21 -10.09
C VAL A 64 -3.03 -10.61 -10.37
C VAL A 64 -3.19 -10.72 -10.33
N ASP A 65 -2.32 -11.38 -9.55
CA ASP A 65 -2.15 -12.84 -9.75
C ASP A 65 -3.36 -13.63 -9.26
N ILE A 66 -4.37 -13.01 -8.66
CA ILE A 66 -5.61 -13.77 -8.34
CA ILE A 66 -5.64 -13.66 -8.24
C ILE A 66 -6.73 -13.38 -9.30
N LEU A 67 -6.51 -12.45 -10.22
CA LEU A 67 -7.55 -12.14 -11.23
CA LEU A 67 -7.52 -12.09 -11.24
C LEU A 67 -7.62 -13.26 -12.24
N ASN A 68 -8.78 -13.87 -12.36
CA ASN A 68 -8.96 -14.99 -13.31
C ASN A 68 -8.84 -14.47 -14.75
N ASP A 69 -9.18 -13.21 -14.98
CA ASP A 69 -9.30 -12.62 -16.34
C ASP A 69 -8.39 -11.39 -16.44
N PHE A 70 -7.22 -11.44 -15.81
CA PHE A 70 -6.19 -10.40 -16.00
C PHE A 70 -5.90 -10.22 -17.49
N THR A 71 -5.85 -8.98 -17.93
CA THR A 71 -5.16 -8.54 -19.16
C THR A 71 -4.56 -7.17 -18.89
N LEU A 72 -3.63 -6.74 -19.73
CA LEU A 72 -3.10 -5.37 -19.58
C LEU A 72 -4.20 -4.33 -19.86
N ASP A 73 -5.20 -4.67 -20.66
N ASP A 73 -5.21 -4.68 -20.66
CA ASP A 73 -6.35 -3.75 -20.91
CA ASP A 73 -6.36 -3.79 -20.94
C ASP A 73 -7.12 -3.51 -19.60
C ASP A 73 -7.18 -3.54 -19.65
N VAL A 74 -7.27 -4.53 -18.76
CA VAL A 74 -7.93 -4.31 -17.44
C VAL A 74 -7.14 -3.25 -16.68
N MET A 75 -5.82 -3.32 -16.72
CA MET A 75 -5.00 -2.37 -15.95
CA MET A 75 -4.94 -2.38 -15.99
C MET A 75 -5.09 -0.96 -16.57
N LYS A 76 -5.23 -0.87 -17.90
CA LYS A 76 -5.49 0.43 -18.58
C LYS A 76 -6.77 1.03 -18.00
N GLU A 77 -7.83 0.22 -17.88
CA GLU A 77 -9.14 0.69 -17.39
C GLU A 77 -8.99 1.10 -15.91
N LEU A 78 -8.20 0.36 -15.14
CA LEU A 78 -7.97 0.71 -13.73
C LEU A 78 -7.24 2.04 -13.65
N ILE A 79 -6.23 2.26 -14.48
CA ILE A 79 -5.48 3.56 -14.48
C ILE A 79 -6.45 4.69 -14.79
N THR A 80 -7.37 4.51 -15.75
CA THR A 80 -8.34 5.57 -16.08
C THR A 80 -9.12 5.94 -14.82
N LEU A 81 -9.56 4.95 -14.05
CA LEU A 81 -10.34 5.20 -12.82
C LEU A 81 -9.45 5.84 -11.74
N ALA A 82 -8.21 5.42 -11.63
CA ALA A 82 -7.26 5.97 -10.64
C ALA A 82 -7.03 7.46 -10.95
N LYS A 83 -6.91 7.82 -12.22
CA LYS A 83 -6.69 9.22 -12.62
C LYS A 83 -7.97 10.02 -12.38
N CYS A 84 -9.12 9.45 -12.75
CA CYS A 84 -10.44 10.12 -12.63
C CYS A 84 -10.72 10.44 -11.17
N HIS A 85 -10.58 9.43 -10.31
CA HIS A 85 -10.97 9.54 -8.88
C HIS A 85 -9.82 9.95 -7.97
N GLU A 86 -8.60 9.98 -8.50
CA GLU A 86 -7.38 10.41 -7.78
C GLU A 86 -7.06 9.42 -6.65
N PHE A 87 -6.54 8.27 -7.02
CA PHE A 87 -5.95 7.33 -6.05
C PHE A 87 -4.75 6.67 -6.71
N LEU A 88 -3.84 6.15 -5.89
CA LEU A 88 -2.68 5.40 -6.44
CA LEU A 88 -2.65 5.39 -6.37
C LEU A 88 -3.02 3.91 -6.53
N ILE A 89 -2.32 3.24 -7.44
CA ILE A 89 -2.41 1.77 -7.60
C ILE A 89 -1.18 1.16 -6.94
N PHE A 90 -1.41 0.23 -6.03
CA PHE A 90 -0.37 -0.47 -5.25
C PHE A 90 -0.53 -1.95 -5.55
N GLU A 91 0.41 -2.53 -6.29
CA GLU A 91 0.41 -4.00 -6.51
C GLU A 91 1.16 -4.64 -5.35
N ASP A 92 0.45 -5.52 -4.64
CA ASP A 92 0.96 -6.19 -3.43
C ASP A 92 1.74 -7.45 -3.85
N ARG A 93 2.84 -7.25 -4.57
CA ARG A 93 3.60 -8.35 -5.21
C ARG A 93 4.52 -9.03 -4.20
N LYS A 94 4.91 -8.36 -3.12
N LYS A 94 4.92 -8.35 -3.13
CA LYS A 94 5.81 -8.95 -2.10
CA LYS A 94 5.77 -8.95 -2.07
C LYS A 94 7.04 -9.53 -2.80
C LYS A 94 7.08 -9.47 -2.67
N PHE A 95 7.72 -8.72 -3.57
CA PHE A 95 9.03 -9.12 -4.12
C PHE A 95 9.91 -9.56 -2.95
N ALA A 96 10.63 -10.67 -3.13
CA ALA A 96 11.24 -11.31 -1.94
C ALA A 96 12.37 -12.24 -2.37
N ASP A 97 13.24 -11.77 -3.25
N ASP A 97 13.17 -11.79 -3.35
CA ASP A 97 14.43 -12.57 -3.63
CA ASP A 97 14.22 -12.59 -4.01
C ASP A 97 15.55 -11.66 -4.05
C ASP A 97 15.47 -11.70 -4.12
N ILE A 98 16.59 -12.28 -4.57
CA ILE A 98 17.82 -11.58 -4.97
C ILE A 98 17.45 -10.52 -6.01
N GLY A 99 18.24 -9.48 -6.05
CA GLY A 99 18.01 -8.34 -6.94
C GLY A 99 17.86 -8.74 -8.39
N ASN A 100 18.68 -9.67 -8.87
CA ASN A 100 18.65 -10.04 -10.30
C ASN A 100 17.29 -10.62 -10.66
N THR A 101 16.70 -11.39 -9.77
CA THR A 101 15.38 -12.02 -10.03
C THR A 101 14.27 -10.98 -9.97
N VAL A 102 14.22 -10.20 -8.89
CA VAL A 102 13.06 -9.29 -8.71
C VAL A 102 13.03 -8.21 -9.80
N LYS A 103 14.18 -7.81 -10.32
N LYS A 103 14.16 -7.77 -10.36
CA LYS A 103 14.25 -6.82 -11.42
CA LYS A 103 14.10 -6.74 -11.43
C LYS A 103 13.40 -7.34 -12.60
C LYS A 103 13.37 -7.32 -12.64
N LYS A 104 13.56 -8.61 -12.94
CA LYS A 104 12.85 -9.24 -14.08
C LYS A 104 11.36 -9.39 -13.75
N GLN A 105 11.07 -9.78 -12.51
CA GLN A 105 9.66 -9.97 -12.07
C GLN A 105 8.91 -8.65 -12.09
N TYR A 106 9.59 -7.54 -11.83
CA TYR A 106 8.93 -6.22 -11.74
C TYR A 106 8.63 -5.69 -13.13
N GLU A 107 9.58 -5.81 -14.04
CA GLU A 107 9.42 -5.26 -15.41
C GLU A 107 8.61 -6.18 -16.33
N GLY A 108 8.80 -7.49 -16.22
CA GLY A 108 8.56 -8.39 -17.37
C GLY A 108 7.37 -9.28 -17.19
N GLY A 109 7.42 -10.41 -17.90
CA GLY A 109 6.37 -11.43 -17.86
C GLY A 109 5.06 -10.85 -18.30
N ILE A 110 3.99 -11.56 -18.02
CA ILE A 110 2.64 -11.20 -18.55
CA ILE A 110 2.65 -11.20 -18.54
C ILE A 110 2.14 -9.97 -17.79
N PHE A 111 2.54 -9.76 -16.53
CA PHE A 111 1.88 -8.69 -15.74
C PHE A 111 2.45 -7.31 -16.04
N LYS A 112 3.72 -7.20 -16.44
CA LYS A 112 4.41 -5.88 -16.65
CA LYS A 112 4.36 -5.87 -16.67
C LYS A 112 4.03 -4.93 -15.51
N ILE A 113 4.28 -5.34 -14.28
CA ILE A 113 3.80 -4.61 -13.08
C ILE A 113 4.31 -3.17 -13.11
N ALA A 114 5.57 -2.93 -13.42
CA ALA A 114 6.15 -1.57 -13.37
C ALA A 114 5.41 -0.62 -14.32
N SER A 115 4.78 -1.15 -15.37
CA SER A 115 4.10 -0.30 -16.39
CA SER A 115 4.11 -0.30 -16.40
C SER A 115 2.84 0.36 -15.83
N TRP A 116 2.24 -0.20 -14.77
CA TRP A 116 0.93 0.33 -14.28
C TRP A 116 0.90 0.56 -12.77
N ALA A 117 1.80 -0.01 -11.97
CA ALA A 117 1.73 0.11 -10.51
C ALA A 117 2.51 1.33 -10.04
N ASP A 118 1.85 2.27 -9.38
CA ASP A 118 2.55 3.42 -8.77
C ASP A 118 3.47 2.91 -7.66
N LEU A 119 2.96 1.96 -6.88
CA LEU A 119 3.68 1.39 -5.72
C LEU A 119 3.70 -0.13 -5.84
N VAL A 120 4.80 -0.71 -5.37
CA VAL A 120 4.90 -2.15 -5.08
C VAL A 120 5.48 -2.27 -3.68
N ASN A 121 5.50 -3.50 -3.18
CA ASN A 121 6.15 -3.78 -1.89
C ASN A 121 7.15 -4.93 -2.03
N ALA A 122 8.00 -5.01 -1.04
CA ALA A 122 9.06 -6.02 -0.97
C ALA A 122 9.26 -6.46 0.47
N HIS A 123 9.56 -7.74 0.63
CA HIS A 123 10.11 -8.26 1.88
C HIS A 123 11.59 -7.96 1.95
N VAL A 124 12.10 -7.74 3.15
CA VAL A 124 13.50 -7.30 3.35
C VAL A 124 14.41 -8.49 3.64
N VAL A 125 13.85 -9.68 3.79
CA VAL A 125 14.62 -10.91 4.15
C VAL A 125 15.82 -11.16 3.23
N PRO A 126 15.80 -10.87 1.90
CA PRO A 126 16.98 -11.14 1.07
C PRO A 126 18.16 -10.20 1.29
N GLY A 127 17.97 -9.14 2.09
CA GLY A 127 18.94 -8.05 2.17
C GLY A 127 18.67 -7.00 1.11
N SER A 128 19.48 -5.94 1.11
CA SER A 128 19.17 -4.71 0.34
C SER A 128 19.22 -4.94 -1.17
N GLY A 129 19.78 -6.04 -1.67
CA GLY A 129 19.74 -6.33 -3.10
C GLY A 129 18.32 -6.39 -3.62
N VAL A 130 17.33 -6.75 -2.80
CA VAL A 130 15.92 -6.78 -3.29
C VAL A 130 15.53 -5.35 -3.71
N VAL A 131 15.94 -4.35 -2.94
CA VAL A 131 15.61 -2.93 -3.25
C VAL A 131 16.44 -2.47 -4.45
N LYS A 132 17.73 -2.81 -4.47
CA LYS A 132 18.62 -2.37 -5.56
C LYS A 132 18.11 -2.94 -6.89
N GLY A 133 17.69 -4.18 -6.91
CA GLY A 133 17.18 -4.76 -8.16
C GLY A 133 15.91 -4.07 -8.59
N LEU A 134 14.95 -3.91 -7.69
CA LEU A 134 13.69 -3.24 -8.07
C LEU A 134 13.95 -1.81 -8.54
N GLN A 135 14.85 -1.09 -7.87
CA GLN A 135 15.04 0.35 -8.19
CA GLN A 135 15.13 0.34 -8.16
C GLN A 135 15.64 0.48 -9.60
N GLU A 136 16.34 -0.53 -10.12
CA GLU A 136 16.91 -0.42 -11.49
CA GLU A 136 16.90 -0.51 -11.50
C GLU A 136 15.78 -0.28 -12.51
N VAL A 137 14.61 -0.84 -12.23
CA VAL A 137 13.40 -0.72 -13.09
C VAL A 137 12.57 0.48 -12.61
N GLY A 138 12.36 0.61 -11.31
CA GLY A 138 11.38 1.55 -10.75
C GLY A 138 11.82 3.00 -10.80
N LEU A 139 13.12 3.28 -10.63
N LEU A 139 13.09 3.29 -10.51
CA LEU A 139 13.60 4.68 -10.62
CA LEU A 139 13.50 4.70 -10.34
C LEU A 139 13.41 5.31 -12.01
C LEU A 139 13.32 5.43 -11.68
N PRO A 140 13.83 4.67 -13.11
N PRO A 140 13.76 4.85 -12.81
CA PRO A 140 13.57 5.27 -14.43
CA PRO A 140 13.56 5.49 -14.12
C PRO A 140 12.07 5.54 -14.68
C PRO A 140 12.08 5.66 -14.50
N LEU A 141 11.20 4.74 -14.07
CA LEU A 141 9.73 4.85 -14.29
C LEU A 141 9.07 5.68 -13.19
N HIS A 142 9.85 6.33 -12.33
CA HIS A 142 9.32 7.27 -11.30
C HIS A 142 8.37 6.54 -10.35
N ARG A 143 8.65 5.28 -10.04
CA ARG A 143 7.79 4.46 -9.15
C ARG A 143 8.32 4.52 -7.71
N GLY A 144 7.51 4.01 -6.79
CA GLY A 144 7.93 3.89 -5.40
C GLY A 144 7.73 2.47 -4.88
N CYS A 145 8.38 2.19 -3.76
CA CYS A 145 8.36 0.87 -3.11
C CYS A 145 8.08 1.02 -1.62
N LEU A 146 7.36 0.05 -1.07
CA LEU A 146 7.10 -0.06 0.37
C LEU A 146 7.82 -1.31 0.88
N LEU A 147 8.47 -1.20 2.04
CA LEU A 147 9.14 -2.37 2.64
C LEU A 147 8.27 -2.94 3.76
N ILE A 148 8.18 -4.25 3.80
CA ILE A 148 7.35 -4.95 4.81
C ILE A 148 8.19 -5.06 6.08
N ALA A 149 7.91 -4.19 7.05
CA ALA A 149 8.68 -4.08 8.31
C ALA A 149 8.03 -4.90 9.42
N GLU A 150 6.71 -5.05 9.39
CA GLU A 150 5.94 -5.84 10.36
C GLU A 150 4.80 -6.51 9.58
N MET A 151 4.29 -7.62 10.12
CA MET A 151 3.12 -8.29 9.52
C MET A 151 2.04 -8.48 10.59
N SER A 152 0.81 -8.62 10.13
CA SER A 152 -0.39 -8.65 10.98
C SER A 152 -0.69 -10.04 11.51
N SER A 153 -0.07 -11.07 10.96
CA SER A 153 -0.50 -12.47 11.17
C SER A 153 0.19 -13.10 12.37
N THR A 154 -0.47 -14.11 12.91
CA THR A 154 0.00 -14.85 14.10
CA THR A 154 0.02 -14.84 14.11
C THR A 154 1.32 -15.54 13.77
N GLY A 155 2.34 -15.32 14.58
CA GLY A 155 3.66 -15.95 14.38
C GLY A 155 4.57 -15.14 13.49
N SER A 156 4.16 -13.95 13.06
CA SER A 156 5.03 -13.07 12.26
C SER A 156 6.45 -13.04 12.84
N LEU A 157 7.44 -13.19 11.98
CA LEU A 157 8.86 -13.06 12.37
C LEU A 157 9.38 -11.65 12.05
N ALA A 158 8.52 -10.75 11.57
CA ALA A 158 8.94 -9.38 11.22
C ALA A 158 8.86 -8.52 12.49
N THR A 159 9.77 -8.78 13.40
CA THR A 159 9.81 -8.16 14.74
C THR A 159 11.25 -7.78 15.09
N GLY A 160 11.43 -6.95 16.11
CA GLY A 160 12.75 -6.70 16.70
C GLY A 160 13.77 -6.28 15.64
N ASP A 161 14.89 -6.99 15.56
CA ASP A 161 16.01 -6.61 14.67
C ASP A 161 15.58 -6.69 13.20
N TYR A 162 14.60 -7.52 12.87
CA TYR A 162 14.10 -7.65 11.47
C TYR A 162 13.44 -6.32 11.08
N THR A 163 12.56 -5.82 11.94
CA THR A 163 11.88 -4.53 11.72
C THR A 163 12.94 -3.41 11.64
N ARG A 164 13.91 -3.41 12.54
CA ARG A 164 14.97 -2.37 12.53
C ARG A 164 15.74 -2.42 11.19
N ALA A 165 16.00 -3.62 10.67
CA ALA A 165 16.72 -3.78 9.39
C ALA A 165 15.86 -3.21 8.25
N ALA A 166 14.54 -3.42 8.31
CA ALA A 166 13.64 -2.88 7.26
C ALA A 166 13.70 -1.34 7.28
N VAL A 167 13.67 -0.77 8.47
CA VAL A 167 13.69 0.71 8.60
C VAL A 167 15.02 1.24 8.04
N ARG A 168 16.14 0.64 8.42
CA ARG A 168 17.47 1.08 7.92
C ARG A 168 17.50 0.97 6.39
N MET A 169 17.02 -0.14 5.84
CA MET A 169 17.06 -0.35 4.39
C MET A 169 16.23 0.74 3.68
N ALA A 170 15.07 1.09 4.22
CA ALA A 170 14.22 2.15 3.65
C ALA A 170 14.97 3.49 3.70
N GLU A 171 15.49 3.82 4.86
CA GLU A 171 16.08 5.15 5.10
C GLU A 171 17.34 5.29 4.22
N GLU A 172 18.02 4.18 3.89
CA GLU A 172 19.25 4.19 3.06
C GLU A 172 18.92 4.13 1.56
N HIS A 173 17.66 3.97 1.19
CA HIS A 173 17.21 3.87 -0.22
C HIS A 173 16.01 4.78 -0.45
N SER A 174 16.09 5.99 0.08
N SER A 174 16.07 6.00 0.08
CA SER A 174 14.97 6.97 0.10
CA SER A 174 14.96 6.97 0.10
C SER A 174 14.64 7.48 -1.31
C SER A 174 14.66 7.55 -1.29
N GLU A 175 15.51 7.29 -2.30
CA GLU A 175 15.20 7.71 -3.69
CA GLU A 175 15.24 7.68 -3.71
C GLU A 175 14.12 6.80 -4.27
N PHE A 176 13.88 5.64 -3.68
CA PHE A 176 12.91 4.66 -4.25
C PHE A 176 11.91 4.17 -3.19
N VAL A 177 12.38 3.96 -1.96
CA VAL A 177 11.51 3.44 -0.88
C VAL A 177 10.78 4.63 -0.26
N VAL A 178 9.46 4.56 -0.25
CA VAL A 178 8.61 5.70 0.21
C VAL A 178 7.91 5.36 1.52
N GLY A 179 8.05 4.14 2.01
CA GLY A 179 7.38 3.80 3.27
C GLY A 179 7.36 2.32 3.51
N PHE A 180 6.43 1.95 4.37
CA PHE A 180 6.38 0.62 4.98
C PHE A 180 4.98 0.05 4.92
N ILE A 181 4.94 -1.28 4.87
CA ILE A 181 3.83 -2.06 5.44
C ILE A 181 4.25 -2.35 6.87
N SER A 182 3.44 -1.92 7.84
CA SER A 182 3.79 -2.08 9.26
C SER A 182 2.51 -2.04 10.09
N GLY A 183 2.60 -2.40 11.35
CA GLY A 183 1.44 -2.34 12.26
C GLY A 183 1.38 -1.02 13.00
N SER A 184 2.42 -0.22 12.89
CA SER A 184 2.68 0.96 13.72
CA SER A 184 2.70 0.96 13.75
C SER A 184 3.66 1.88 12.99
N ARG A 185 3.81 3.10 13.49
CA ARG A 185 4.94 3.95 13.09
C ARG A 185 6.24 3.20 13.45
N VAL A 186 7.10 2.94 12.48
CA VAL A 186 8.41 2.28 12.70
C VAL A 186 9.57 3.23 12.36
N SER A 187 9.38 4.18 11.45
CA SER A 187 10.38 5.24 11.15
C SER A 187 9.96 6.54 11.84
N MET A 188 10.94 7.25 12.39
CA MET A 188 10.76 8.57 13.02
CA MET A 188 10.72 8.58 13.01
C MET A 188 10.84 9.67 11.94
N LYS A 189 11.12 9.31 10.70
CA LYS A 189 11.29 10.30 9.61
C LYS A 189 9.94 10.50 8.92
N PRO A 190 9.39 11.75 8.90
CA PRO A 190 8.02 11.96 8.45
C PRO A 190 7.81 11.83 6.93
N GLU A 191 8.90 11.73 6.17
CA GLU A 191 8.87 11.54 4.70
CA GLU A 191 8.79 11.57 4.70
C GLU A 191 8.36 10.14 4.34
N PHE A 192 8.40 9.21 5.30
CA PHE A 192 8.00 7.82 5.04
C PHE A 192 6.54 7.61 5.41
N LEU A 193 5.81 6.91 4.52
N LEU A 193 5.84 6.88 4.53
CA LEU A 193 4.41 6.51 4.78
CA LEU A 193 4.45 6.45 4.74
C LEU A 193 4.39 5.18 5.56
C LEU A 193 4.44 5.19 5.61
N HIS A 194 3.44 5.07 6.47
CA HIS A 194 3.14 3.81 7.19
C HIS A 194 1.76 3.33 6.76
N LEU A 195 1.69 2.17 6.13
CA LEU A 195 0.42 1.55 5.71
C LEU A 195 0.21 0.28 6.54
N THR A 196 -0.97 0.14 7.11
CA THR A 196 -1.25 -0.95 8.06
C THR A 196 -2.42 -1.79 7.61
N PRO A 197 -2.16 -3.08 7.25
CA PRO A 197 -3.21 -4.06 7.03
C PRO A 197 -3.56 -4.76 8.35
N GLY A 198 -4.50 -5.71 8.30
CA GLY A 198 -5.04 -6.33 9.52
C GLY A 198 -5.96 -5.37 10.25
N VAL A 199 -6.88 -4.77 9.51
CA VAL A 199 -7.77 -3.72 10.08
C VAL A 199 -9.22 -4.10 9.86
N GLN A 200 -10.01 -4.07 10.94
N GLN A 200 -10.01 -4.06 10.93
CA GLN A 200 -11.49 -4.16 10.89
CA GLN A 200 -11.49 -4.16 10.89
C GLN A 200 -12.05 -3.32 12.03
C GLN A 200 -12.05 -3.32 12.03
N LEU A 201 -13.30 -2.91 11.90
CA LEU A 201 -13.97 -2.15 12.99
C LEU A 201 -14.20 -3.08 14.19
N GLU A 202 -14.57 -4.33 13.93
CA GLU A 202 -14.85 -5.32 15.01
C GLU A 202 -13.58 -6.11 15.33
N ALA A 203 -13.47 -6.57 16.57
CA ALA A 203 -12.36 -7.42 17.02
C ALA A 203 -12.45 -8.78 16.31
N GLY A 204 -11.30 -9.42 16.15
CA GLY A 204 -11.23 -10.82 15.73
C GLY A 204 -10.10 -11.05 14.76
N GLY A 205 -10.32 -11.99 13.85
CA GLY A 205 -9.28 -12.47 12.96
C GLY A 205 -9.90 -13.37 11.93
N ASP A 206 -9.10 -14.17 11.26
CA ASP A 206 -9.65 -15.22 10.38
C ASP A 206 -9.12 -16.57 10.87
N ASN A 207 -9.43 -17.61 10.11
CA ASN A 207 -9.13 -19.04 10.38
CA ASN A 207 -9.07 -18.99 10.52
C ASN A 207 -7.69 -19.40 9.95
N LEU A 208 -6.95 -18.45 9.38
CA LEU A 208 -5.62 -18.70 8.80
C LEU A 208 -4.64 -17.64 9.28
N GLY A 209 -4.72 -17.26 10.54
CA GLY A 209 -3.69 -16.44 11.21
C GLY A 209 -3.83 -14.94 11.05
N GLN A 210 -4.81 -14.43 10.31
CA GLN A 210 -5.00 -12.96 10.26
C GLN A 210 -5.49 -12.50 11.63
N GLN A 211 -5.02 -11.35 12.06
CA GLN A 211 -5.45 -10.70 13.31
C GLN A 211 -5.86 -9.27 12.96
N TYR A 212 -6.96 -8.80 13.55
CA TYR A 212 -7.47 -7.44 13.25
C TYR A 212 -7.29 -6.51 14.45
N ASN A 213 -7.02 -5.26 14.10
CA ASN A 213 -7.06 -4.11 15.03
C ASN A 213 -7.89 -3.02 14.38
N SER A 214 -8.40 -2.11 15.19
CA SER A 214 -9.33 -1.08 14.66
C SER A 214 -8.55 0.07 14.04
N PRO A 215 -9.21 0.86 13.16
CA PRO A 215 -8.61 2.09 12.66
C PRO A 215 -8.15 3.03 13.78
N GLN A 216 -8.96 3.18 14.84
CA GLN A 216 -8.59 4.06 15.96
C GLN A 216 -7.27 3.57 16.58
N GLU A 217 -7.15 2.26 16.80
CA GLU A 217 -5.93 1.69 17.40
C GLU A 217 -4.73 1.95 16.50
N VAL A 218 -4.80 1.62 15.20
N VAL A 218 -4.89 1.62 15.22
CA VAL A 218 -3.56 1.60 14.37
CA VAL A 218 -3.78 1.57 14.24
C VAL A 218 -3.21 3.03 13.91
C VAL A 218 -3.27 2.98 13.95
N ILE A 219 -4.19 3.89 13.64
CA ILE A 219 -3.88 5.29 13.23
C ILE A 219 -3.65 6.13 14.49
N GLY A 220 -4.56 6.03 15.45
CA GLY A 220 -4.55 6.92 16.62
C GLY A 220 -3.46 6.55 17.61
N LYS A 221 -3.43 5.32 18.09
CA LYS A 221 -2.52 4.87 19.16
C LYS A 221 -1.16 4.42 18.58
N ARG A 222 -1.16 3.69 17.47
CA ARG A 222 0.09 3.10 16.93
C ARG A 222 0.77 4.04 15.92
N GLY A 223 0.10 5.12 15.50
CA GLY A 223 0.75 6.20 14.73
C GLY A 223 0.93 5.90 13.26
N SER A 224 0.22 4.94 12.70
CA SER A 224 0.29 4.65 11.25
CA SER A 224 0.26 4.63 11.25
C SER A 224 -0.46 5.73 10.46
N ASP A 225 -0.24 5.76 9.16
CA ASP A 225 -0.83 6.80 8.29
C ASP A 225 -2.09 6.32 7.58
N ILE A 226 -2.06 5.09 7.08
CA ILE A 226 -3.07 4.57 6.12
C ILE A 226 -3.51 3.20 6.62
N ILE A 227 -4.81 2.94 6.59
CA ILE A 227 -5.33 1.56 6.82
C ILE A 227 -5.54 0.87 5.48
N ILE A 228 -5.16 -0.41 5.45
CA ILE A 228 -5.43 -1.30 4.31
C ILE A 228 -6.54 -2.24 4.75
N VAL A 229 -7.67 -2.22 4.04
CA VAL A 229 -8.87 -2.99 4.45
C VAL A 229 -9.35 -3.79 3.25
N GLY A 230 -9.44 -5.11 3.44
CA GLY A 230 -10.00 -6.03 2.45
C GLY A 230 -11.39 -6.46 2.85
N ARG A 231 -11.50 -7.62 3.48
CA ARG A 231 -12.81 -8.26 3.77
C ARG A 231 -13.76 -7.37 4.57
N GLY A 232 -13.26 -6.50 5.44
CA GLY A 232 -14.16 -5.58 6.19
C GLY A 232 -15.01 -4.74 5.24
N ILE A 233 -14.49 -4.45 4.06
CA ILE A 233 -15.24 -3.79 2.98
C ILE A 233 -15.79 -4.81 1.99
N ILE A 234 -14.92 -5.65 1.42
N ILE A 234 -14.96 -5.67 1.40
CA ILE A 234 -15.27 -6.49 0.25
CA ILE A 234 -15.40 -6.40 0.19
C ILE A 234 -16.45 -7.41 0.58
C ILE A 234 -16.41 -7.51 0.53
N SER A 235 -16.48 -7.98 1.77
CA SER A 235 -17.52 -8.96 2.17
C SER A 235 -18.83 -8.28 2.59
N ALA A 236 -18.81 -6.96 2.81
CA ALA A 236 -20.03 -6.23 3.20
C ALA A 236 -20.99 -6.20 2.01
N ALA A 237 -22.29 -6.06 2.28
CA ALA A 237 -23.26 -5.94 1.17
C ALA A 237 -23.05 -4.61 0.43
N ASP A 238 -23.10 -3.51 1.16
CA ASP A 238 -22.88 -2.17 0.58
C ASP A 238 -21.41 -1.78 0.79
N ARG A 239 -20.59 -2.03 -0.22
CA ARG A 239 -19.14 -1.79 -0.11
C ARG A 239 -18.87 -0.28 -0.08
N LEU A 240 -19.73 0.56 -0.66
CA LEU A 240 -19.50 2.02 -0.62
C LEU A 240 -19.68 2.52 0.81
N GLU A 241 -20.79 2.16 1.46
CA GLU A 241 -21.04 2.54 2.87
CA GLU A 241 -20.99 2.61 2.85
C GLU A 241 -19.90 2.00 3.74
N ALA A 242 -19.50 0.75 3.51
CA ALA A 242 -18.43 0.17 4.34
C ALA A 242 -17.16 1.00 4.16
N ALA A 243 -16.80 1.33 2.92
CA ALA A 243 -15.59 2.13 2.66
C ALA A 243 -15.71 3.49 3.36
N GLU A 244 -16.88 4.11 3.33
CA GLU A 244 -17.08 5.41 4.01
C GLU A 244 -16.90 5.25 5.52
N MET A 245 -17.39 4.17 6.12
CA MET A 245 -17.20 3.96 7.57
C MET A 245 -15.71 3.86 7.89
N TYR A 246 -14.97 3.09 7.10
CA TYR A 246 -13.51 2.93 7.33
C TYR A 246 -12.77 4.24 7.08
N ARG A 247 -13.16 4.96 6.03
CA ARG A 247 -12.53 6.26 5.73
C ARG A 247 -12.74 7.22 6.91
N LYS A 248 -13.98 7.34 7.38
CA LYS A 248 -14.26 8.31 8.46
C LYS A 248 -13.51 7.89 9.72
N ALA A 249 -13.44 6.59 10.00
CA ALA A 249 -12.72 6.11 11.20
C ALA A 249 -11.23 6.49 11.10
N ALA A 250 -10.58 6.16 9.99
CA ALA A 250 -9.13 6.40 9.84
C ALA A 250 -8.86 7.91 9.81
N TRP A 251 -9.74 8.68 9.18
CA TRP A 251 -9.49 10.12 9.03
C TRP A 251 -9.60 10.80 10.39
N GLU A 252 -10.65 10.50 11.16
CA GLU A 252 -10.83 11.14 12.49
C GLU A 252 -9.69 10.72 13.41
N ALA A 253 -9.24 9.45 13.35
CA ALA A 253 -8.13 8.99 14.20
C ALA A 253 -6.89 9.81 13.88
N TYR A 254 -6.65 10.09 12.60
CA TYR A 254 -5.52 10.92 12.15
C TYR A 254 -5.67 12.35 12.70
N LEU A 255 -6.84 12.95 12.52
CA LEU A 255 -7.07 14.34 12.98
C LEU A 255 -6.84 14.45 14.48
N SER A 256 -7.33 13.47 15.23
CA SER A 256 -7.26 13.54 16.71
CA SER A 256 -7.26 13.48 16.71
C SER A 256 -5.80 13.42 17.18
N ARG A 257 -5.01 12.60 16.50
CA ARG A 257 -3.58 12.42 16.85
C ARG A 257 -2.83 13.71 16.54
N LEU A 258 -3.17 14.35 15.42
CA LEU A 258 -2.51 15.58 14.93
C LEU A 258 -2.77 16.74 15.90
N GLY A 259 -3.99 16.82 16.44
CA GLY A 259 -4.38 17.86 17.41
C GLY A 259 -4.25 19.26 16.83
#